data_2W5O
#
_entry.id   2W5O
#
_cell.length_a   48.620
_cell.length_b   86.880
_cell.length_c   108.170
_cell.angle_alpha   90.00
_cell.angle_beta   90.00
_cell.angle_gamma   90.00
#
_symmetry.space_group_name_H-M   'P 21 21 21'
#
loop_
_entity.id
_entity.type
_entity.pdbx_description
1 polymer ALPHA-L-ARABINOFURANOSIDASE
2 branched alpha-L-arabinofuranose-(1-5)-alpha-L-arabinofuranose
3 non-polymer 1,2-ETHANEDIOL
4 non-polymer 'SULFATE ION'
5 non-polymer DI(HYDROXYETHYL)ETHER
6 water water
#
_entity_poly.entity_id   1
_entity_poly.type   'polypeptide(L)'
_entity_poly.pdbx_seq_one_letter_code
;A(MSE)KPAQKGKTFSNVEIFDPPTNYRDPQVLYARPLELSDGTLLGTWENYSPEPPNVWFPIVKSKDGGKTWKEISKVK
DTQNNWGLRYQPQLYELPRAFGKYPKGTVLCSGSSIPSDLSETLIEVYASRDKGYTWEFVSHVALGGEALPNPGLTPVWE
PFL(MSE)TYKEKLILYYSDQRDNATHSQKLVHQTTTDLKKWSKVVDDTKYADYYARPG(MSE)PTVAKLPNNEYIYVYE
YGGGPNPPAGSDYWFPVYYRLSKDPQKFLNKAHHQIVSNDGTTPAGSPYVVWTPYGGKNGTIVVSCGTRSEIFTNQALGD
ASAWKKWDVPQPTAYTRSLLTFQKDPDLL(MSE)I(MSE)GAGILPPAGGKNTVSASVVRLSEV(MSE)KS
;
_entity_poly.pdbx_strand_id   A
#
loop_
_chem_comp.id
_chem_comp.type
_chem_comp.name
_chem_comp.formula
AHR L-saccharide, alpha linking alpha-L-arabinofuranose 'C5 H10 O5'
EDO non-polymer 1,2-ETHANEDIOL 'C2 H6 O2'
PEG non-polymer DI(HYDROXYETHYL)ETHER 'C4 H10 O3'
SO4 non-polymer 'SULFATE ION' 'O4 S -2'
#
# COMPACT_ATOMS: atom_id res chain seq x y z
N GLY A 8 23.15 8.96 -14.01
CA GLY A 8 22.61 7.62 -13.67
C GLY A 8 21.19 7.79 -13.18
N LYS A 9 20.33 6.80 -13.45
CA LYS A 9 18.96 6.83 -12.94
C LYS A 9 18.82 6.01 -11.65
N THR A 10 19.79 5.13 -11.39
CA THR A 10 19.74 4.29 -10.22
C THR A 10 20.50 4.92 -9.04
N PHE A 11 20.09 4.55 -7.82
CA PHE A 11 20.66 5.07 -6.56
C PHE A 11 20.20 4.23 -5.40
N SER A 12 21.01 4.17 -4.36
CA SER A 12 20.67 3.37 -3.21
C SER A 12 20.57 4.23 -1.95
N ASN A 13 19.55 3.93 -1.15
CA ASN A 13 19.40 4.46 0.18
C ASN A 13 19.47 5.96 0.25
N VAL A 14 18.76 6.63 -0.64
CA VAL A 14 18.69 8.05 -0.58
C VAL A 14 17.65 8.45 0.43
N GLU A 15 18.04 9.27 1.40
CA GLU A 15 17.12 9.65 2.47
C GLU A 15 16.08 10.67 2.03
N ILE A 16 14.81 10.43 2.35
CA ILE A 16 13.75 11.35 2.02
C ILE A 16 13.35 12.23 3.24
N PHE A 17 13.29 11.65 4.43
CA PHE A 17 12.86 12.41 5.60
C PHE A 17 13.52 11.81 6.83
N ASP A 18 14.13 12.68 7.62
CA ASP A 18 14.66 12.30 8.93
C ASP A 18 13.81 13.01 9.97
N PRO A 19 13.06 12.25 10.79
CA PRO A 19 12.06 12.88 11.66
C PRO A 19 12.68 13.61 12.84
N PRO A 20 12.03 14.69 13.28
CA PRO A 20 12.50 15.30 14.52
C PRO A 20 12.56 14.31 15.68
N THR A 21 13.47 14.54 16.63
CA THR A 21 13.60 13.69 17.80
C THR A 21 12.32 13.63 18.63
N ASN A 22 11.49 14.66 18.59
CA ASN A 22 10.30 14.67 19.44
C ASN A 22 9.07 13.96 18.82
N TYR A 23 9.24 13.37 17.65
CA TYR A 23 8.16 12.59 17.08
C TYR A 23 7.97 11.31 17.91
N ARG A 24 6.74 10.80 17.93
CA ARG A 24 6.38 9.63 18.78
C ARG A 24 6.68 8.31 18.09
N ASP A 25 7.30 7.35 18.79
CA ASP A 25 7.54 6.00 18.30
C ASP A 25 6.33 5.53 17.50
N PRO A 26 6.49 5.12 16.24
CA PRO A 26 7.73 4.87 15.53
C PRO A 26 8.26 6.04 14.70
N GLN A 27 7.65 7.22 14.86
CA GLN A 27 8.12 8.50 14.29
C GLN A 27 7.65 8.68 12.87
N VAL A 28 8.05 7.73 12.02
CA VAL A 28 7.49 7.56 10.69
C VAL A 28 7.23 6.08 10.41
N LEU A 29 6.42 5.83 9.39
CA LEU A 29 6.04 4.48 8.97
C LEU A 29 5.18 4.59 7.70
N TYR A 30 5.07 3.46 6.97
CA TYR A 30 4.08 3.29 5.92
C TYR A 30 4.34 4.32 4.79
N ALA A 31 5.45 4.15 4.10
CA ALA A 31 5.83 5.03 3.01
C ALA A 31 5.07 4.65 1.73
N ARG A 32 4.73 5.66 0.95
CA ARG A 32 4.03 5.44 -0.31
C ARG A 32 4.50 6.41 -1.35
N PRO A 33 4.77 5.91 -2.56
CA PRO A 33 5.22 6.74 -3.65
C PRO A 33 4.15 6.90 -4.73
N LEU A 34 4.31 7.90 -5.57
CA LEU A 34 3.40 8.07 -6.73
C LEU A 34 4.09 8.76 -7.90
N GLU A 35 3.93 8.19 -9.09
CA GLU A 35 4.44 8.88 -10.27
C GLU A 35 3.30 9.54 -11.03
N LEU A 36 3.47 10.82 -11.32
CA LEU A 36 2.45 11.57 -12.07
C LEU A 36 2.69 11.46 -13.58
N SER A 37 1.68 11.79 -14.39
CA SER A 37 1.82 11.67 -15.83
C SER A 37 2.93 12.58 -16.37
N ASP A 38 3.31 13.64 -15.65
CA ASP A 38 4.40 14.46 -16.17
C ASP A 38 5.80 14.03 -15.68
N GLY A 39 5.90 12.87 -15.03
CA GLY A 39 7.19 12.35 -14.57
C GLY A 39 7.56 12.77 -13.15
N THR A 40 6.80 13.68 -12.57
CA THR A 40 7.05 14.09 -11.20
C THR A 40 6.76 12.94 -10.25
N LEU A 41 7.49 12.86 -9.14
CA LEU A 41 7.18 11.82 -8.15
C LEU A 41 6.62 12.48 -6.90
N LEU A 42 5.56 11.91 -6.32
CA LEU A 42 5.12 12.34 -4.97
C LEU A 42 5.37 11.21 -3.98
N GLY A 43 5.50 11.56 -2.70
CA GLY A 43 5.75 10.60 -1.62
C GLY A 43 5.05 11.10 -0.34
N THR A 44 4.58 10.17 0.50
CA THR A 44 4.00 10.45 1.80
C THR A 44 4.27 9.27 2.75
N TRP A 45 3.91 9.46 4.03
CA TRP A 45 4.07 8.45 5.07
C TRP A 45 3.23 8.83 6.30
N GLU A 46 3.06 7.87 7.21
CA GLU A 46 2.47 8.17 8.51
C GLU A 46 3.46 9.04 9.30
N ASN A 47 3.00 10.22 9.75
CA ASN A 47 3.86 11.23 10.31
C ASN A 47 3.48 11.49 11.80
N TYR A 48 4.21 10.87 12.71
CA TYR A 48 3.83 10.75 14.11
C TYR A 48 4.29 11.95 14.94
N SER A 49 3.89 13.15 14.54
CA SER A 49 4.32 14.36 15.24
C SER A 49 3.60 14.53 16.59
N PRO A 50 4.15 15.39 17.48
CA PRO A 50 3.50 15.66 18.78
C PRO A 50 2.34 16.57 18.54
N GLU A 51 1.22 16.24 19.14
CA GLU A 51 -0.01 16.94 18.87
C GLU A 51 -0.44 17.71 20.10
N PRO A 52 -1.15 18.82 19.91
CA PRO A 52 -1.50 19.39 18.60
C PRO A 52 -0.31 20.08 17.92
N PRO A 53 -0.46 20.43 16.63
CA PRO A 53 -1.65 20.22 15.82
C PRO A 53 -1.91 18.74 15.46
N ASN A 54 -3.14 18.43 15.10
CA ASN A 54 -3.53 17.08 14.65
C ASN A 54 -2.59 16.63 13.53
N VAL A 55 -2.23 15.35 13.56
CA VAL A 55 -1.25 14.83 12.60
C VAL A 55 -1.73 15.05 11.16
N TRP A 56 -0.77 15.13 10.24
CA TRP A 56 -1.05 15.28 8.81
C TRP A 56 -0.24 14.29 7.96
N PHE A 57 -0.60 14.17 6.70
CA PHE A 57 0.24 13.39 5.80
C PHE A 57 1.12 14.41 5.05
N PRO A 58 2.44 14.32 5.22
CA PRO A 58 3.26 15.22 4.40
C PRO A 58 3.29 14.78 2.94
N ILE A 59 3.50 15.73 2.02
CA ILE A 59 3.63 15.45 0.60
C ILE A 59 4.96 15.99 0.12
N VAL A 60 5.89 15.07 -0.19
CA VAL A 60 7.15 15.47 -0.80
C VAL A 60 7.13 15.21 -2.30
N LYS A 61 7.92 15.98 -3.03
CA LYS A 61 7.95 15.91 -4.50
C LYS A 61 9.38 15.82 -5.04
N SER A 62 9.63 14.92 -5.98
CA SER A 62 10.92 14.86 -6.68
C SER A 62 10.76 15.11 -8.18
N LYS A 63 11.68 15.92 -8.74
CA LYS A 63 11.69 16.21 -10.18
C LYS A 63 12.85 15.49 -10.90
N ASP A 64 13.72 14.82 -10.16
CA ASP A 64 14.85 14.13 -10.76
C ASP A 64 14.79 12.63 -10.52
N GLY A 65 13.60 12.05 -10.62
CA GLY A 65 13.50 10.60 -10.48
C GLY A 65 13.81 10.07 -9.09
N GLY A 66 13.60 10.90 -8.05
CA GLY A 66 13.81 10.48 -6.67
C GLY A 66 15.16 10.76 -6.03
N LYS A 67 16.07 11.39 -6.77
CA LYS A 67 17.41 11.69 -6.22
C LYS A 67 17.31 12.75 -5.15
N THR A 68 16.50 13.77 -5.40
CA THR A 68 16.25 14.84 -4.42
C THR A 68 14.77 15.08 -4.27
N TRP A 69 14.43 15.57 -3.09
CA TRP A 69 13.05 15.71 -2.66
C TRP A 69 12.85 17.02 -1.91
N LYS A 70 11.62 17.50 -1.93
CA LYS A 70 11.25 18.70 -1.19
C LYS A 70 9.81 18.56 -0.74
N GLU A 71 9.44 18.99 0.47
CA GLU A 71 8.03 18.99 0.85
C GLU A 71 7.25 20.12 0.20
N ILE A 72 6.14 19.81 -0.43
CA ILE A 72 5.42 20.88 -1.05
C ILE A 72 4.06 21.14 -0.40
N SER A 73 3.62 20.23 0.48
CA SER A 73 2.37 20.45 1.15
C SER A 73 2.12 19.39 2.21
N LYS A 74 1.00 19.56 2.88
CA LYS A 74 0.54 18.66 3.93
C LYS A 74 -0.94 18.42 3.66
N VAL A 75 -1.37 17.15 3.66
CA VAL A 75 -2.78 16.83 3.60
C VAL A 75 -3.27 16.82 5.03
N LYS A 76 -4.23 17.69 5.35
CA LYS A 76 -4.69 17.82 6.73
C LYS A 76 -6.13 17.39 6.83
N ASP A 77 -6.50 16.88 8.01
CA ASP A 77 -7.89 16.54 8.33
C ASP A 77 -8.68 17.82 8.51
N THR A 78 -9.52 18.16 7.54
CA THR A 78 -10.29 19.38 7.67
C THR A 78 -11.71 19.09 8.13
N GLN A 79 -12.02 17.84 8.48
CA GLN A 79 -13.41 17.45 8.66
C GLN A 79 -13.70 17.07 10.12
N ASN A 80 -12.75 16.37 10.73
CA ASN A 80 -13.03 15.69 12.00
C ASN A 80 -12.39 16.25 13.25
N ASN A 81 -11.42 17.17 13.12
CA ASN A 81 -10.59 17.55 14.26
C ASN A 81 -9.97 16.30 14.91
N TRP A 82 -9.57 15.35 14.07
CA TRP A 82 -8.81 14.18 14.55
C TRP A 82 -7.38 14.15 14.07
N GLY A 83 -7.21 14.40 12.78
CA GLY A 83 -5.89 14.21 12.17
C GLY A 83 -5.99 13.13 11.11
N LEU A 84 -5.03 13.14 10.17
CA LEU A 84 -4.87 12.08 9.16
C LEU A 84 -3.69 11.24 9.64
N ARG A 85 -3.98 10.05 10.14
CA ARG A 85 -3.04 9.38 11.01
C ARG A 85 -2.37 8.14 10.43
N TYR A 86 -3.16 7.26 9.84
CA TYR A 86 -2.65 5.96 9.39
C TYR A 86 -2.84 5.68 7.91
N GLN A 87 -1.91 4.88 7.38
CA GLN A 87 -2.10 4.12 6.14
C GLN A 87 -2.50 5.01 4.94
N PRO A 88 -1.68 6.07 4.66
CA PRO A 88 -1.85 6.96 3.48
C PRO A 88 -1.70 6.16 2.22
N GLN A 89 -2.36 6.59 1.15
CA GLN A 89 -2.23 5.94 -0.15
C GLN A 89 -2.42 7.01 -1.24
N LEU A 90 -1.43 7.13 -2.13
CA LEU A 90 -1.51 8.13 -3.18
C LEU A 90 -1.90 7.49 -4.51
N TYR A 91 -2.70 8.18 -5.30
CA TYR A 91 -3.16 7.58 -6.55
C TYR A 91 -3.49 8.70 -7.56
N GLU A 92 -3.16 8.50 -8.83
CA GLU A 92 -3.50 9.52 -9.86
C GLU A 92 -4.69 9.03 -10.74
N LEU A 93 -5.76 9.81 -10.83
CA LEU A 93 -6.88 9.38 -11.70
C LEU A 93 -6.39 9.20 -13.14
N PRO A 94 -6.60 8.01 -13.74
CA PRO A 94 -6.29 7.78 -15.15
C PRO A 94 -7.44 8.21 -16.07
N ARG A 95 -8.53 8.66 -15.47
CA ARG A 95 -9.74 9.09 -16.19
C ARG A 95 -10.59 9.91 -15.23
N ALA A 96 -11.60 10.59 -15.75
CA ALA A 96 -12.38 11.43 -14.85
C ALA A 96 -13.35 10.63 -14.02
N PHE A 97 -13.63 11.11 -12.81
CA PHE A 97 -14.71 10.58 -12.00
C PHE A 97 -15.51 11.74 -11.41
N GLY A 98 -16.79 11.83 -11.73
CA GLY A 98 -17.60 12.96 -11.24
C GLY A 98 -16.94 14.27 -11.62
N LYS A 99 -16.73 15.18 -10.67
CA LYS A 99 -16.14 16.47 -11.03
C LYS A 99 -14.63 16.47 -10.95
N TYR A 100 -14.03 15.29 -10.91
CA TYR A 100 -12.59 15.22 -10.75
C TYR A 100 -11.99 14.62 -12.02
N PRO A 101 -11.28 15.45 -12.80
CA PRO A 101 -10.74 15.03 -14.10
C PRO A 101 -9.55 14.12 -13.99
N LYS A 102 -9.23 13.49 -15.11
CA LYS A 102 -8.00 12.74 -15.30
C LYS A 102 -6.83 13.58 -14.83
N GLY A 103 -5.95 13.01 -14.00
CA GLY A 103 -4.77 13.77 -13.53
C GLY A 103 -4.93 14.36 -12.12
N THR A 104 -6.15 14.37 -11.59
CA THR A 104 -6.35 14.72 -10.19
C THR A 104 -5.59 13.70 -9.34
N VAL A 105 -4.92 14.18 -8.30
CA VAL A 105 -4.20 13.26 -7.40
C VAL A 105 -5.08 12.99 -6.20
N LEU A 106 -5.26 11.72 -5.84
CA LEU A 106 -6.02 11.35 -4.66
C LEU A 106 -5.06 10.96 -3.54
N CYS A 107 -5.42 11.31 -2.31
CA CYS A 107 -4.67 10.81 -1.18
C CYS A 107 -5.72 10.23 -0.27
N SER A 108 -5.69 8.92 -0.09
CA SER A 108 -6.62 8.28 0.81
C SER A 108 -5.84 7.92 2.07
N GLY A 109 -6.52 7.62 3.17
CA GLY A 109 -5.85 7.34 4.41
C GLY A 109 -6.89 7.31 5.51
N SER A 110 -6.46 7.03 6.73
CA SER A 110 -7.40 6.87 7.81
C SER A 110 -7.26 7.98 8.86
N SER A 111 -8.37 8.64 9.10
CA SER A 111 -8.41 9.72 10.07
C SER A 111 -8.80 9.11 11.42
N ILE A 112 -8.02 9.42 12.46
CA ILE A 112 -8.15 8.75 13.71
C ILE A 112 -7.82 9.77 14.81
N PRO A 113 -8.69 9.92 15.84
CA PRO A 113 -8.38 10.78 16.99
C PRO A 113 -7.20 10.20 17.76
N SER A 114 -6.47 11.06 18.46
CA SER A 114 -5.26 10.69 19.17
C SER A 114 -5.45 9.54 20.10
N ASP A 115 -6.66 9.41 20.67
CA ASP A 115 -6.95 8.31 21.59
C ASP A 115 -7.27 6.96 20.88
N LEU A 116 -7.25 6.96 19.55
CA LEU A 116 -7.35 5.74 18.73
C LEU A 116 -8.74 5.11 18.81
N SER A 117 -9.73 5.89 19.24
CA SER A 117 -11.06 5.34 19.57
C SER A 117 -11.89 5.02 18.32
N GLU A 118 -11.53 5.61 17.18
CA GLU A 118 -12.27 5.38 15.91
C GLU A 118 -11.35 5.36 14.69
N THR A 119 -11.83 4.80 13.57
CA THR A 119 -11.09 4.82 12.31
C THR A 119 -12.00 5.28 11.18
N LEU A 120 -11.49 6.12 10.29
CA LEU A 120 -12.33 6.70 9.24
C LEU A 120 -11.53 6.84 7.95
N ILE A 121 -11.77 5.96 6.99
CA ILE A 121 -11.03 6.08 5.74
C ILE A 121 -11.60 7.22 4.87
N GLU A 122 -10.73 8.18 4.52
CA GLU A 122 -11.13 9.39 3.80
C GLU A 122 -10.52 9.37 2.40
N VAL A 123 -11.08 10.16 1.49
CA VAL A 123 -10.41 10.56 0.26
C VAL A 123 -10.32 12.10 0.18
N TYR A 124 -9.10 12.59 -0.05
CA TYR A 124 -8.76 13.97 -0.34
C TYR A 124 -8.25 14.04 -1.76
N ALA A 125 -8.42 15.19 -2.42
CA ALA A 125 -7.98 15.34 -3.82
C ALA A 125 -7.15 16.62 -3.99
N SER A 126 -6.19 16.54 -4.91
CA SER A 126 -5.41 17.69 -5.34
C SER A 126 -5.57 17.90 -6.84
N ARG A 127 -5.95 19.12 -7.23
CA ARG A 127 -6.13 19.46 -8.63
C ARG A 127 -4.90 20.14 -9.26
N ASP A 128 -3.83 20.29 -8.48
CA ASP A 128 -2.65 21.04 -8.93
C ASP A 128 -1.41 20.22 -8.67
N LYS A 129 -1.58 18.90 -8.77
CA LYS A 129 -0.42 18.01 -8.78
C LYS A 129 0.30 18.01 -7.45
N GLY A 130 -0.51 18.16 -6.41
CA GLY A 130 -0.05 17.90 -5.06
C GLY A 130 0.31 19.09 -4.19
N TYR A 131 0.05 20.32 -4.67
CA TYR A 131 0.35 21.53 -3.86
C TYR A 131 -0.79 21.93 -2.92
N THR A 132 -2.03 21.74 -3.32
CA THR A 132 -3.14 21.99 -2.44
C THR A 132 -4.15 20.82 -2.43
N TRP A 133 -4.94 20.73 -1.37
CA TRP A 133 -5.84 19.57 -1.17
C TRP A 133 -7.24 19.97 -0.75
N GLU A 134 -8.23 19.17 -1.13
CA GLU A 134 -9.59 19.39 -0.68
C GLU A 134 -10.19 18.05 -0.24
N PHE A 135 -11.02 18.08 0.81
CA PHE A 135 -11.68 16.87 1.26
C PHE A 135 -12.59 16.45 0.12
N VAL A 136 -12.74 15.15 -0.09
CA VAL A 136 -13.72 14.69 -1.07
C VAL A 136 -14.87 13.91 -0.44
N SER A 137 -14.57 12.79 0.21
CA SER A 137 -15.61 12.00 0.83
C SER A 137 -15.11 11.10 1.96
N HIS A 138 -16.05 10.73 2.81
CA HIS A 138 -15.83 9.75 3.84
C HIS A 138 -16.18 8.42 3.19
N VAL A 139 -15.28 7.43 3.30
CA VAL A 139 -15.57 6.13 2.72
C VAL A 139 -16.08 5.08 3.71
N ALA A 140 -15.36 4.87 4.80
CA ALA A 140 -15.66 3.78 5.71
C ALA A 140 -15.30 4.14 7.13
N LEU A 141 -16.29 4.03 8.03
CA LEU A 141 -16.08 4.30 9.45
C LEU A 141 -15.96 2.99 10.23
N GLY A 142 -14.98 2.88 11.13
CA GLY A 142 -14.84 1.71 11.96
C GLY A 142 -14.58 2.12 13.40
N GLY A 143 -14.38 1.12 14.25
CA GLY A 143 -14.12 1.37 15.64
C GLY A 143 -12.62 1.51 15.98
N GLU A 144 -12.28 0.99 17.16
CA GLU A 144 -11.04 1.33 17.82
C GLU A 144 -9.82 0.87 17.04
N ALA A 145 -8.87 1.78 16.88
CA ALA A 145 -7.74 1.47 16.03
C ALA A 145 -6.67 0.62 16.71
N LEU A 146 -7.01 -0.60 17.16
CA LEU A 146 -6.02 -1.58 17.62
C LEU A 146 -6.35 -2.89 16.90
N PRO A 147 -5.34 -3.61 16.39
CA PRO A 147 -5.64 -4.79 15.60
C PRO A 147 -5.92 -5.98 16.53
N ASN A 148 -6.97 -5.87 17.32
CA ASN A 148 -7.31 -6.94 18.24
C ASN A 148 -8.63 -7.60 17.86
N PRO A 149 -8.70 -8.91 17.95
CA PRO A 149 -9.95 -9.59 17.65
C PRO A 149 -11.08 -9.03 18.47
N GLY A 150 -12.20 -8.73 17.83
CA GLY A 150 -13.34 -8.22 18.59
C GLY A 150 -13.53 -6.72 18.44
N LEU A 151 -12.45 -5.99 18.21
CA LEU A 151 -12.62 -4.54 17.87
C LEU A 151 -13.16 -4.38 16.44
N THR A 152 -13.67 -3.21 16.08
CA THR A 152 -14.24 -3.03 14.74
C THR A 152 -13.54 -2.01 13.81
N PRO A 153 -12.21 -1.88 13.89
CA PRO A 153 -11.59 -0.90 13.03
C PRO A 153 -11.63 -1.27 11.56
N VAL A 154 -11.44 -0.25 10.73
CA VAL A 154 -11.09 -0.40 9.31
C VAL A 154 -9.67 0.16 9.08
N TRP A 155 -8.97 -0.38 8.07
CA TRP A 155 -7.59 0.05 7.78
C TRP A 155 -7.16 -0.04 6.31
N GLU A 156 -6.08 0.67 5.96
CA GLU A 156 -5.27 0.29 4.81
C GLU A 156 -5.91 0.40 3.44
N PRO A 157 -6.34 1.62 3.05
CA PRO A 157 -6.95 1.78 1.71
C PRO A 157 -6.00 1.58 0.55
N PHE A 158 -6.52 1.02 -0.52
CA PHE A 158 -5.73 0.88 -1.73
C PHE A 158 -6.68 1.12 -2.91
N LEU A 159 -6.29 2.01 -3.83
N LEU A 159 -6.29 2.01 -3.83
CA LEU A 159 -7.18 2.47 -4.90
CA LEU A 159 -7.17 2.48 -4.90
C LEU A 159 -6.76 1.96 -6.26
C LEU A 159 -6.75 1.94 -6.27
N MSE A 160 -7.75 1.65 -7.10
CA MSE A 160 -7.45 1.27 -8.46
C MSE A 160 -8.72 1.46 -9.27
O MSE A 160 -9.83 1.21 -8.79
CB MSE A 160 -7.00 -0.18 -8.54
CG MSE A 160 -6.40 -0.60 -9.90
SE MSE A 160 -6.16 -2.54 -9.98
CE MSE A 160 -8.06 -3.05 -9.96
N THR A 161 -8.54 1.86 -10.52
CA THR A 161 -9.64 2.00 -11.45
C THR A 161 -9.97 0.66 -12.13
N TYR A 162 -11.23 0.46 -12.46
CA TYR A 162 -11.62 -0.66 -13.30
C TYR A 162 -12.80 -0.23 -14.18
N LYS A 163 -12.51 -0.07 -15.47
CA LYS A 163 -13.47 0.48 -16.41
C LYS A 163 -13.98 1.83 -15.92
N GLU A 164 -15.28 1.94 -15.73
CA GLU A 164 -15.87 3.22 -15.31
C GLU A 164 -15.95 3.41 -13.77
N LYS A 165 -15.40 2.45 -13.03
CA LYS A 165 -15.43 2.48 -11.56
C LYS A 165 -14.07 2.76 -10.95
N LEU A 166 -14.06 3.42 -9.82
CA LEU A 166 -12.87 3.44 -8.98
C LEU A 166 -13.12 2.48 -7.80
N ILE A 167 -12.16 1.62 -7.53
CA ILE A 167 -12.31 0.70 -6.43
C ILE A 167 -11.36 1.06 -5.31
N LEU A 168 -11.88 1.03 -4.09
CA LEU A 168 -11.13 1.26 -2.86
C LEU A 168 -11.17 -0.04 -2.03
N TYR A 169 -10.04 -0.73 -2.00
CA TYR A 169 -9.87 -1.98 -1.24
C TYR A 169 -9.35 -1.62 0.14
N TYR A 170 -9.76 -2.37 1.15
CA TYR A 170 -9.25 -2.16 2.49
C TYR A 170 -9.44 -3.38 3.41
N SER A 171 -9.00 -3.24 4.66
CA SER A 171 -9.07 -4.28 5.68
C SER A 171 -10.16 -3.88 6.65
N ASP A 172 -10.94 -4.86 7.08
CA ASP A 172 -12.22 -4.57 7.78
C ASP A 172 -12.44 -5.52 8.95
N GLN A 173 -12.56 -4.97 10.17
CA GLN A 173 -12.83 -5.79 11.35
C GLN A 173 -14.26 -5.61 11.82
N ARG A 174 -15.10 -4.96 11.03
CA ARG A 174 -16.49 -4.69 11.47
C ARG A 174 -17.45 -5.92 11.55
N ASP A 175 -17.11 -6.99 10.86
CA ASP A 175 -17.90 -8.22 10.91
C ASP A 175 -17.36 -9.05 12.08
N ASN A 176 -17.41 -8.45 13.27
CA ASN A 176 -16.63 -8.97 14.39
C ASN A 176 -17.28 -10.16 15.09
N ALA A 177 -18.44 -10.59 14.63
CA ALA A 177 -18.94 -11.90 15.10
C ALA A 177 -18.49 -13.07 14.23
N THR A 178 -17.88 -12.80 13.07
CA THR A 178 -17.58 -13.84 12.08
C THR A 178 -16.14 -13.85 11.64
N HIS A 179 -15.55 -12.67 11.51
CA HIS A 179 -14.13 -12.60 11.16
C HIS A 179 -13.35 -11.55 11.92
N SER A 180 -12.27 -12.00 12.51
CA SER A 180 -11.40 -11.13 13.27
C SER A 180 -10.95 -9.96 12.38
N GLN A 181 -10.58 -10.26 11.14
CA GLN A 181 -10.45 -9.26 10.06
C GLN A 181 -10.77 -9.91 8.71
N LYS A 182 -11.30 -9.15 7.76
CA LYS A 182 -11.46 -9.70 6.42
C LYS A 182 -11.16 -8.55 5.45
N LEU A 183 -11.10 -8.87 4.16
CA LEU A 183 -10.72 -7.89 3.16
C LEU A 183 -11.93 -7.60 2.30
N VAL A 184 -12.19 -6.32 2.06
CA VAL A 184 -13.39 -5.87 1.38
C VAL A 184 -13.06 -4.70 0.44
N HIS A 185 -14.05 -4.31 -0.35
CA HIS A 185 -13.92 -3.09 -1.15
C HIS A 185 -15.27 -2.37 -1.28
N GLN A 186 -15.20 -1.11 -1.68
CA GLN A 186 -16.37 -0.37 -2.13
C GLN A 186 -16.00 0.27 -3.46
N THR A 187 -16.98 0.66 -4.25
CA THR A 187 -16.69 1.25 -5.52
C THR A 187 -17.48 2.53 -5.63
N THR A 188 -17.04 3.38 -6.57
CA THR A 188 -17.66 4.66 -6.84
C THR A 188 -17.54 5.03 -8.32
N THR A 189 -18.48 5.81 -8.84
CA THR A 189 -18.26 6.38 -10.18
C THR A 189 -18.07 7.88 -10.17
N ASP A 190 -18.23 8.50 -9.00
CA ASP A 190 -18.11 9.96 -8.90
C ASP A 190 -17.28 10.45 -7.69
N LEU A 191 -16.70 9.50 -6.95
CA LEU A 191 -15.88 9.82 -5.79
C LEU A 191 -16.62 10.39 -4.60
N LYS A 192 -17.95 10.48 -4.68
CA LYS A 192 -18.80 10.93 -3.58
C LYS A 192 -19.74 9.85 -3.03
N LYS A 193 -20.44 9.12 -3.91
CA LYS A 193 -21.31 8.03 -3.47
C LYS A 193 -20.58 6.70 -3.58
N TRP A 194 -20.47 5.99 -2.45
CA TRP A 194 -19.81 4.68 -2.44
C TRP A 194 -20.79 3.54 -2.33
N SER A 195 -20.50 2.47 -3.06
CA SER A 195 -21.30 1.25 -3.06
C SER A 195 -21.40 0.56 -1.69
N LYS A 196 -22.27 -0.44 -1.57
CA LYS A 196 -22.19 -1.36 -0.43
C LYS A 196 -20.82 -2.02 -0.35
N VAL A 197 -20.48 -2.41 0.86
CA VAL A 197 -19.23 -3.10 1.04
C VAL A 197 -19.30 -4.44 0.31
N VAL A 198 -18.25 -4.84 -0.40
CA VAL A 198 -18.19 -6.16 -1.03
C VAL A 198 -16.99 -6.96 -0.49
N ASP A 199 -17.19 -8.24 -0.19
CA ASP A 199 -16.08 -9.03 0.34
C ASP A 199 -15.10 -9.43 -0.76
N ASP A 200 -13.81 -9.25 -0.52
CA ASP A 200 -12.76 -9.72 -1.45
C ASP A 200 -12.04 -10.99 -1.01
N THR A 201 -11.93 -11.22 0.30
CA THR A 201 -11.17 -12.34 0.83
C THR A 201 -11.50 -12.50 2.29
N LYS A 202 -11.95 -13.69 2.63
CA LYS A 202 -12.25 -13.95 4.03
C LYS A 202 -12.07 -15.41 4.33
N TYR A 203 -11.73 -15.75 5.55
CA TYR A 203 -11.54 -17.14 5.88
C TYR A 203 -12.46 -17.51 7.04
N ALA A 204 -12.84 -18.79 7.10
CA ALA A 204 -13.96 -19.21 7.97
C ALA A 204 -13.58 -19.32 9.44
N ASP A 205 -12.33 -19.66 9.73
CA ASP A 205 -11.84 -19.63 11.12
C ASP A 205 -11.82 -18.16 11.58
N TYR A 206 -12.58 -17.88 12.64
CA TYR A 206 -12.76 -16.53 13.16
C TYR A 206 -11.45 -15.80 13.35
N TYR A 207 -10.42 -16.52 13.81
CA TYR A 207 -9.14 -15.89 14.15
C TYR A 207 -8.23 -15.54 12.97
N ALA A 208 -8.60 -15.97 11.78
CA ALA A 208 -7.84 -15.58 10.61
C ALA A 208 -7.95 -14.05 10.35
N ARG A 209 -6.81 -13.45 9.96
CA ARG A 209 -6.73 -12.02 9.64
C ARG A 209 -5.96 -11.77 8.33
N PRO A 210 -6.59 -12.09 7.20
CA PRO A 210 -6.13 -11.56 5.96
C PRO A 210 -6.18 -10.03 6.07
N GLY A 211 -5.15 -9.40 5.50
CA GLY A 211 -4.96 -7.95 5.54
C GLY A 211 -4.06 -7.41 4.45
N MSE A 212 -4.18 -6.10 4.26
CA MSE A 212 -3.18 -5.30 3.53
C MSE A 212 -3.22 -5.55 2.04
O MSE A 212 -2.27 -6.07 1.47
CB MSE A 212 -1.79 -5.48 4.14
CG MSE A 212 -1.83 -5.30 5.67
SE MSE A 212 -0.15 -5.03 6.61
CE MSE A 212 0.13 -3.24 5.86
N PRO A 213 -4.35 -5.22 1.41
CA PRO A 213 -4.57 -5.51 0.00
C PRO A 213 -3.85 -4.56 -0.91
N THR A 214 -3.12 -5.14 -1.84
CA THR A 214 -2.73 -4.34 -2.97
C THR A 214 -2.96 -5.16 -4.23
N VAL A 215 -3.02 -4.46 -5.36
CA VAL A 215 -3.49 -5.06 -6.61
C VAL A 215 -2.67 -4.55 -7.79
N ALA A 216 -2.47 -5.39 -8.79
CA ALA A 216 -1.85 -4.96 -10.05
C ALA A 216 -2.45 -5.66 -11.26
N LYS A 217 -2.48 -4.94 -12.37
CA LYS A 217 -3.04 -5.41 -13.62
C LYS A 217 -1.99 -6.14 -14.43
N LEU A 218 -2.36 -7.33 -14.92
CA LEU A 218 -1.44 -8.17 -15.69
C LEU A 218 -1.73 -8.05 -17.21
N PRO A 219 -0.77 -8.42 -18.08
CA PRO A 219 -1.14 -8.15 -19.49
C PRO A 219 -2.00 -9.23 -20.20
N ASN A 220 -2.38 -10.29 -19.49
CA ASN A 220 -3.36 -11.24 -20.03
C ASN A 220 -4.76 -10.82 -19.54
N ASN A 221 -4.89 -9.55 -19.19
CA ASN A 221 -6.16 -9.00 -18.68
C ASN A 221 -6.72 -9.55 -17.35
N GLU A 222 -5.87 -10.22 -16.59
CA GLU A 222 -6.17 -10.60 -15.23
C GLU A 222 -5.53 -9.59 -14.30
N TYR A 223 -5.97 -9.62 -13.03
CA TYR A 223 -5.43 -8.77 -11.99
C TYR A 223 -4.89 -9.69 -10.93
N ILE A 224 -3.80 -9.30 -10.30
CA ILE A 224 -3.27 -10.09 -9.16
C ILE A 224 -3.54 -9.27 -7.90
N TYR A 225 -4.08 -9.94 -6.88
CA TYR A 225 -4.55 -9.33 -5.65
C TYR A 225 -3.69 -9.96 -4.55
N VAL A 226 -2.91 -9.15 -3.84
CA VAL A 226 -1.93 -9.66 -2.91
C VAL A 226 -2.23 -9.17 -1.51
N TYR A 227 -1.97 -10.01 -0.52
CA TYR A 227 -2.37 -9.66 0.85
C TYR A 227 -1.59 -10.55 1.82
N GLU A 228 -1.56 -10.20 3.10
CA GLU A 228 -0.93 -11.09 4.06
C GLU A 228 -2.06 -11.95 4.63
N TYR A 229 -1.83 -13.24 4.80
CA TYR A 229 -2.86 -14.11 5.32
C TYR A 229 -2.54 -14.38 6.79
N GLY A 230 -3.00 -13.48 7.68
CA GLY A 230 -2.82 -13.68 9.14
C GLY A 230 -3.53 -14.97 9.53
N GLY A 231 -2.79 -15.91 10.12
CA GLY A 231 -3.39 -17.18 10.51
C GLY A 231 -3.31 -18.21 9.40
N GLY A 232 -2.53 -17.94 8.34
CA GLY A 232 -2.30 -18.93 7.25
C GLY A 232 -1.57 -20.18 7.79
N PRO A 233 -1.74 -21.32 7.12
CA PRO A 233 -1.20 -22.58 7.60
C PRO A 233 0.32 -22.65 7.69
N ASN A 234 0.80 -23.52 8.58
CA ASN A 234 2.19 -23.84 8.67
C ASN A 234 3.04 -22.68 9.14
N PRO A 235 2.77 -22.13 10.33
CA PRO A 235 3.68 -21.12 10.86
C PRO A 235 5.00 -21.75 11.19
N PRO A 236 6.08 -20.96 11.06
CA PRO A 236 7.41 -21.55 11.25
C PRO A 236 7.67 -21.91 12.71
N ALA A 237 8.53 -22.89 12.92
CA ALA A 237 8.82 -23.45 14.24
C ALA A 237 9.00 -22.34 15.25
N GLY A 238 8.29 -22.44 16.38
CA GLY A 238 8.37 -21.41 17.40
C GLY A 238 7.42 -20.26 17.17
N SER A 239 6.48 -20.44 16.25
CA SER A 239 5.48 -19.42 16.06
C SER A 239 4.18 -20.15 15.95
N ASP A 240 3.12 -19.62 16.50
CA ASP A 240 1.89 -20.33 16.28
C ASP A 240 0.88 -19.50 15.46
N TYR A 241 1.29 -18.30 15.02
CA TYR A 241 0.45 -17.46 14.15
C TYR A 241 1.39 -16.64 13.28
N TRP A 242 1.19 -16.68 11.96
CA TRP A 242 2.04 -15.85 11.07
C TRP A 242 1.25 -15.23 9.90
N PHE A 243 1.94 -14.48 9.07
CA PHE A 243 1.30 -13.59 8.07
C PHE A 243 1.89 -13.83 6.66
N PRO A 244 1.84 -15.09 6.19
CA PRO A 244 2.48 -15.34 4.90
C PRO A 244 1.76 -14.59 3.79
N VAL A 245 2.49 -14.28 2.71
CA VAL A 245 1.91 -13.50 1.63
C VAL A 245 1.19 -14.48 0.68
N TYR A 246 -0.05 -14.18 0.34
CA TYR A 246 -0.85 -15.00 -0.55
C TYR A 246 -1.38 -14.06 -1.63
N TYR A 247 -1.85 -14.63 -2.74
CA TYR A 247 -2.45 -13.85 -3.79
C TYR A 247 -3.57 -14.64 -4.51
N ARG A 248 -4.37 -13.91 -5.27
CA ARG A 248 -5.45 -14.47 -6.08
C ARG A 248 -5.42 -13.79 -7.46
N LEU A 249 -6.00 -14.44 -8.46
CA LEU A 249 -5.96 -13.89 -9.81
C LEU A 249 -7.42 -13.84 -10.31
N SER A 250 -7.78 -12.78 -11.01
CA SER A 250 -9.17 -12.65 -11.45
C SER A 250 -9.23 -11.67 -12.60
N LYS A 251 -10.06 -11.99 -13.61
CA LYS A 251 -10.22 -11.12 -14.75
C LYS A 251 -11.05 -9.89 -14.31
N ASP A 252 -11.93 -10.09 -13.34
CA ASP A 252 -12.72 -8.98 -12.80
C ASP A 252 -12.21 -8.77 -11.39
N PRO A 253 -11.61 -7.60 -11.15
CA PRO A 253 -10.95 -7.25 -9.88
C PRO A 253 -11.96 -6.96 -8.75
N GLN A 254 -13.26 -6.97 -9.05
CA GLN A 254 -14.29 -6.97 -7.99
C GLN A 254 -14.62 -8.37 -7.48
N LYS A 255 -14.01 -9.38 -8.08
CA LYS A 255 -14.40 -10.74 -7.76
C LYS A 255 -13.29 -11.69 -7.30
N PHE A 256 -12.38 -11.22 -6.44
CA PHE A 256 -11.37 -12.13 -5.91
C PHE A 256 -11.90 -13.15 -4.92
N LEU A 257 -13.06 -12.89 -4.35
CA LEU A 257 -13.60 -13.73 -3.29
C LEU A 257 -13.69 -15.20 -3.67
N ASN A 258 -14.10 -15.47 -4.91
CA ASN A 258 -14.35 -16.86 -5.31
C ASN A 258 -13.15 -17.50 -5.99
N LYS A 259 -11.99 -16.82 -5.92
CA LYS A 259 -10.81 -17.32 -6.64
C LYS A 259 -9.89 -18.08 -5.72
N ALA A 260 -9.20 -19.08 -6.26
CA ALA A 260 -8.33 -19.91 -5.45
C ALA A 260 -7.17 -19.08 -4.97
N HIS A 261 -6.68 -19.33 -3.76
CA HIS A 261 -5.53 -18.56 -3.26
C HIS A 261 -4.22 -19.27 -3.52
N HIS A 262 -3.14 -18.53 -3.47
CA HIS A 262 -1.83 -19.11 -3.65
C HIS A 262 -0.84 -18.48 -2.70
N GLN A 263 -0.05 -19.27 -2.00
CA GLN A 263 1.01 -18.70 -1.22
C GLN A 263 2.18 -18.34 -2.12
N ILE A 264 2.89 -17.27 -1.80
CA ILE A 264 4.14 -17.02 -2.49
C ILE A 264 5.30 -17.81 -1.85
N VAL A 265 5.96 -18.64 -2.63
CA VAL A 265 7.17 -19.29 -2.19
C VAL A 265 8.16 -19.26 -3.33
N SER A 266 9.36 -18.74 -3.10
CA SER A 266 10.39 -18.71 -4.14
C SER A 266 11.04 -20.08 -4.37
N ASN A 267 11.84 -20.18 -5.45
CA ASN A 267 12.32 -21.49 -5.93
C ASN A 267 13.22 -22.11 -4.89
N ASP A 268 13.84 -21.28 -4.06
CA ASP A 268 14.68 -21.79 -3.00
C ASP A 268 13.89 -22.08 -1.71
N GLY A 269 12.56 -22.00 -1.75
CA GLY A 269 11.77 -22.32 -0.56
C GLY A 269 11.45 -21.16 0.39
N THR A 270 11.90 -19.94 0.08
CA THR A 270 11.66 -18.76 0.96
C THR A 270 10.18 -18.40 1.01
N THR A 271 9.65 -18.12 2.20
CA THR A 271 8.22 -17.83 2.33
C THR A 271 8.08 -16.41 2.85
N PRO A 272 7.81 -15.46 1.96
CA PRO A 272 7.71 -14.09 2.44
C PRO A 272 6.44 -13.95 3.26
N ALA A 273 6.51 -13.07 4.26
CA ALA A 273 5.40 -12.82 5.16
C ALA A 273 5.39 -11.36 5.53
N GLY A 274 4.20 -10.87 5.87
CA GLY A 274 4.04 -9.53 6.42
C GLY A 274 3.85 -8.43 5.37
N SER A 275 2.83 -7.62 5.57
CA SER A 275 2.64 -6.37 4.83
C SER A 275 3.23 -6.30 3.39
N PRO A 276 2.65 -7.05 2.47
CA PRO A 276 3.21 -7.06 1.14
C PRO A 276 2.72 -5.91 0.27
N TYR A 277 3.36 -5.74 -0.88
CA TYR A 277 3.02 -4.68 -1.83
C TYR A 277 3.39 -5.17 -3.24
N VAL A 278 2.46 -5.12 -4.19
CA VAL A 278 2.74 -5.66 -5.48
C VAL A 278 2.64 -4.61 -6.58
N VAL A 279 3.49 -4.75 -7.59
CA VAL A 279 3.29 -3.98 -8.83
C VAL A 279 3.57 -4.90 -10.02
N TRP A 280 3.16 -4.47 -11.21
CA TRP A 280 3.54 -5.18 -12.43
C TRP A 280 4.19 -4.15 -13.34
N THR A 281 5.23 -4.53 -14.06
CA THR A 281 5.89 -3.61 -14.96
C THR A 281 6.03 -4.27 -16.35
N PRO A 282 5.84 -3.47 -17.43
CA PRO A 282 6.00 -3.97 -18.83
C PRO A 282 7.47 -4.00 -19.21
N TYR A 283 8.17 -4.94 -18.59
CA TYR A 283 9.59 -5.12 -18.72
C TYR A 283 9.86 -6.60 -18.45
N GLY A 284 10.83 -7.16 -19.18
CA GLY A 284 11.38 -8.50 -18.92
C GLY A 284 10.93 -9.69 -19.77
N GLY A 285 9.93 -9.48 -20.61
CA GLY A 285 9.35 -10.57 -21.43
C GLY A 285 7.89 -10.31 -21.74
N LYS A 286 7.25 -11.22 -22.48
CA LYS A 286 5.88 -10.99 -22.97
C LYS A 286 4.86 -10.93 -21.83
N ASN A 287 5.25 -11.48 -20.68
CA ASN A 287 4.35 -11.46 -19.52
C ASN A 287 4.69 -10.33 -18.56
N GLY A 288 5.65 -9.49 -18.95
CA GLY A 288 6.19 -8.46 -18.01
C GLY A 288 6.80 -9.10 -16.74
N THR A 289 6.85 -8.32 -15.66
CA THR A 289 7.33 -8.84 -14.40
C THR A 289 6.45 -8.35 -13.25
N ILE A 290 5.96 -9.30 -12.46
CA ILE A 290 5.20 -8.96 -11.29
C ILE A 290 6.27 -8.83 -10.22
N VAL A 291 6.24 -7.76 -9.40
CA VAL A 291 7.24 -7.62 -8.33
C VAL A 291 6.53 -7.49 -6.99
N VAL A 292 7.02 -8.23 -6.00
CA VAL A 292 6.36 -8.22 -4.72
C VAL A 292 7.37 -7.97 -3.63
N SER A 293 7.04 -7.06 -2.71
CA SER A 293 7.86 -6.84 -1.51
C SER A 293 7.06 -7.35 -0.33
N CYS A 294 7.75 -7.81 0.72
CA CYS A 294 7.05 -8.10 1.96
C CYS A 294 7.77 -7.34 3.07
N GLY A 295 7.16 -7.34 4.25
CA GLY A 295 7.55 -6.46 5.34
C GLY A 295 8.56 -7.06 6.32
N THR A 296 8.98 -8.29 6.09
CA THR A 296 9.93 -8.95 6.98
C THR A 296 11.18 -9.43 6.26
N ARG A 297 11.36 -9.10 4.98
CA ARG A 297 12.62 -9.42 4.29
C ARG A 297 13.04 -8.29 3.36
N SER A 298 14.33 -8.24 3.05
CA SER A 298 14.82 -7.21 2.19
C SER A 298 14.70 -7.50 0.70
N GLU A 299 14.58 -8.77 0.30
CA GLU A 299 14.56 -9.13 -1.13
C GLU A 299 13.26 -8.69 -1.84
N ILE A 300 13.28 -8.72 -3.18
CA ILE A 300 12.07 -8.64 -3.97
C ILE A 300 11.77 -10.01 -4.55
N PHE A 301 10.50 -10.23 -4.88
CA PHE A 301 10.04 -11.50 -5.35
C PHE A 301 9.37 -11.25 -6.70
N THR A 302 9.73 -12.03 -7.71
CA THR A 302 9.32 -11.71 -9.06
C THR A 302 8.63 -12.90 -9.65
N ASN A 303 7.74 -12.60 -10.58
CA ASN A 303 7.08 -13.63 -11.30
C ASN A 303 6.88 -13.18 -12.74
N GLN A 304 7.50 -13.90 -13.68
CA GLN A 304 7.41 -13.57 -15.09
C GLN A 304 6.47 -14.53 -15.86
N ALA A 305 5.62 -15.21 -15.09
CA ALA A 305 4.68 -16.17 -15.64
C ALA A 305 3.23 -15.92 -15.16
N LEU A 306 2.84 -14.63 -15.13
CA LEU A 306 1.46 -14.22 -14.80
C LEU A 306 0.94 -14.85 -13.50
N GLY A 307 1.84 -15.10 -12.53
CA GLY A 307 1.35 -15.55 -11.22
C GLY A 307 1.36 -17.06 -11.07
N ASP A 308 1.91 -17.75 -12.05
CA ASP A 308 2.09 -19.19 -11.90
C ASP A 308 2.76 -19.44 -10.54
N ALA A 309 2.16 -20.28 -9.69
CA ALA A 309 2.70 -20.50 -8.34
C ALA A 309 4.07 -21.12 -8.28
N SER A 310 4.55 -21.78 -9.33
CA SER A 310 5.87 -22.38 -9.28
C SER A 310 6.97 -21.46 -9.79
N ALA A 311 6.62 -20.25 -10.23
CA ALA A 311 7.62 -19.39 -10.92
C ALA A 311 8.12 -18.19 -10.09
N TRP A 312 7.93 -18.21 -8.78
CA TRP A 312 8.42 -17.09 -8.04
C TRP A 312 9.92 -17.13 -7.84
N LYS A 313 10.56 -15.99 -8.11
CA LYS A 313 12.00 -15.81 -7.92
C LYS A 313 12.32 -14.80 -6.83
N LYS A 314 13.56 -14.79 -6.35
CA LYS A 314 13.90 -13.89 -5.25
C LYS A 314 15.26 -13.22 -5.52
N TRP A 315 15.34 -11.92 -5.24
CA TRP A 315 16.56 -11.20 -5.57
C TRP A 315 16.91 -10.16 -4.53
N ASP A 316 18.22 -10.06 -4.22
CA ASP A 316 18.73 -9.01 -3.32
C ASP A 316 18.64 -7.61 -3.87
N VAL A 317 18.32 -6.66 -3.00
CA VAL A 317 18.36 -5.26 -3.37
C VAL A 317 19.02 -4.46 -2.23
N PRO A 318 19.46 -3.23 -2.48
CA PRO A 318 20.18 -2.49 -1.44
C PRO A 318 19.23 -1.78 -0.46
N GLN A 319 17.94 -1.74 -0.76
CA GLN A 319 16.97 -1.11 0.17
C GLN A 319 16.65 -2.06 1.33
N PRO A 320 16.69 -1.54 2.57
CA PRO A 320 16.51 -2.39 3.75
C PRO A 320 15.05 -2.83 3.98
N THR A 321 14.89 -3.88 4.78
CA THR A 321 13.57 -4.35 5.22
C THR A 321 12.80 -3.24 5.93
N ALA A 322 11.50 -3.16 5.64
CA ALA A 322 10.63 -2.20 6.28
C ALA A 322 9.18 -2.63 6.22
N TYR A 323 8.41 -2.21 7.21
CA TYR A 323 6.94 -2.45 7.25
C TYR A 323 6.24 -1.84 6.04
N THR A 324 5.52 -2.69 5.31
CA THR A 324 4.81 -2.30 4.09
C THR A 324 5.67 -1.52 3.08
N ARG A 325 6.92 -1.95 2.93
CA ARG A 325 7.87 -1.32 2.01
C ARG A 325 7.15 -1.32 0.66
N SER A 326 7.19 -0.20 -0.04
CA SER A 326 6.35 -0.01 -1.23
C SER A 326 7.18 0.05 -2.52
N LEU A 327 6.50 -0.06 -3.66
CA LEU A 327 7.17 -0.26 -4.93
C LEU A 327 6.60 0.67 -5.98
N LEU A 328 7.43 1.13 -6.90
CA LEU A 328 6.87 1.89 -8.00
C LEU A 328 7.73 1.60 -9.21
N THR A 329 7.08 1.54 -10.37
CA THR A 329 7.76 1.30 -11.65
C THR A 329 7.63 2.55 -12.50
N PHE A 330 8.69 2.97 -13.17
CA PHE A 330 8.69 4.23 -13.97
C PHE A 330 8.08 4.01 -15.36
N GLN A 331 7.11 4.83 -15.70
CA GLN A 331 6.37 4.58 -16.91
C GLN A 331 7.26 4.83 -18.15
N LYS A 332 8.26 5.70 -18.04
CA LYS A 332 9.17 5.92 -19.18
C LYS A 332 10.34 4.93 -19.14
N ASP A 333 10.45 4.15 -18.09
CA ASP A 333 11.46 3.11 -18.14
C ASP A 333 11.10 1.98 -17.20
N PRO A 334 10.32 1.01 -17.70
CA PRO A 334 9.80 -0.13 -16.92
C PRO A 334 10.87 -1.00 -16.30
N ASP A 335 12.11 -0.83 -16.72
CA ASP A 335 13.21 -1.55 -16.12
C ASP A 335 13.60 -0.96 -14.75
N LEU A 336 13.19 0.28 -14.48
CA LEU A 336 13.53 0.97 -13.22
C LEU A 336 12.49 0.74 -12.14
N LEU A 337 12.95 0.29 -10.96
CA LEU A 337 12.05 0.02 -9.84
C LEU A 337 12.45 0.85 -8.62
N MSE A 338 11.52 1.66 -8.13
CA MSE A 338 11.76 2.33 -6.85
C MSE A 338 11.22 1.46 -5.73
O MSE A 338 10.08 0.93 -5.81
CB MSE A 338 11.11 3.73 -6.82
CG MSE A 338 11.17 4.41 -5.44
SE MSE A 338 10.48 6.23 -5.58
CE MSE A 338 12.15 7.00 -6.18
N ILE A 339 12.06 1.28 -4.70
CA ILE A 339 11.69 0.61 -3.45
C ILE A 339 11.78 1.64 -2.30
N MSE A 340 10.64 1.94 -1.67
CA MSE A 340 10.55 3.01 -0.69
C MSE A 340 10.04 2.47 0.65
O MSE A 340 9.04 1.72 0.71
CB MSE A 340 9.62 4.11 -1.20
CG MSE A 340 9.53 5.39 -0.32
SE MSE A 340 7.98 6.47 -0.85
CE MSE A 340 8.09 7.97 0.38
N GLY A 341 10.68 2.88 1.74
CA GLY A 341 10.26 2.41 3.08
C GLY A 341 10.34 3.51 4.12
N ALA A 342 9.71 3.30 5.28
CA ALA A 342 9.79 4.25 6.37
C ALA A 342 10.03 3.48 7.66
N GLY A 343 10.84 2.44 7.59
CA GLY A 343 11.30 1.72 8.78
C GLY A 343 10.33 0.69 9.32
N ILE A 344 10.52 0.32 10.59
CA ILE A 344 9.85 -0.82 11.21
C ILE A 344 8.75 -0.41 12.20
N LEU A 345 7.87 -1.36 12.53
CA LEU A 345 6.82 -1.17 13.54
C LEU A 345 7.46 -0.83 14.87
N PRO A 346 6.77 -0.05 15.72
CA PRO A 346 7.29 0.27 17.06
C PRO A 346 7.27 -1.03 17.84
N PRO A 347 8.20 -1.19 18.79
CA PRO A 347 9.09 -0.09 19.08
C PRO A 347 10.24 0.07 18.06
N ALA A 348 10.41 1.27 17.52
CA ALA A 348 11.44 1.46 16.47
C ALA A 348 12.81 1.98 16.98
N GLY A 349 12.90 2.27 18.27
CA GLY A 349 14.17 2.67 18.90
C GLY A 349 14.71 3.98 18.33
N GLY A 350 13.82 4.85 17.84
CA GLY A 350 14.24 6.11 17.24
C GLY A 350 15.00 5.95 15.91
N LYS A 351 14.91 4.78 15.29
CA LYS A 351 15.73 4.49 14.10
C LYS A 351 15.08 4.73 12.73
N ASN A 352 13.78 4.96 12.68
CA ASN A 352 13.09 5.03 11.39
C ASN A 352 13.38 6.32 10.65
N THR A 353 13.71 6.18 9.36
CA THR A 353 13.65 7.32 8.45
C THR A 353 12.88 6.92 7.21
N VAL A 354 12.47 7.90 6.43
CA VAL A 354 11.84 7.60 5.17
C VAL A 354 12.93 7.65 4.07
N SER A 355 13.04 6.59 3.27
CA SER A 355 14.06 6.54 2.22
C SER A 355 13.66 5.65 1.04
N ALA A 356 14.50 5.67 0.00
CA ALA A 356 14.21 4.94 -1.22
C ALA A 356 15.49 4.59 -1.99
N SER A 357 15.38 3.57 -2.80
CA SER A 357 16.39 3.20 -3.78
C SER A 357 15.69 3.01 -5.10
N VAL A 358 16.39 3.35 -6.19
CA VAL A 358 15.98 2.96 -7.52
C VAL A 358 16.97 1.94 -8.09
N VAL A 359 16.47 0.75 -8.40
CA VAL A 359 17.26 -0.26 -9.10
C VAL A 359 16.77 -0.59 -10.52
N ARG A 360 17.63 -1.24 -11.30
CA ARG A 360 17.23 -1.80 -12.59
C ARG A 360 16.99 -3.29 -12.43
N LEU A 361 15.80 -3.73 -12.82
CA LEU A 361 15.47 -5.14 -12.78
C LEU A 361 16.44 -5.99 -13.59
N SER A 362 16.89 -5.46 -14.73
CA SER A 362 17.91 -6.10 -15.56
C SER A 362 19.25 -6.34 -14.85
N GLU A 363 19.65 -5.46 -13.95
CA GLU A 363 20.86 -5.68 -13.19
CA GLU A 363 20.87 -5.69 -13.19
C GLU A 363 20.58 -6.57 -12.00
N VAL A 364 19.53 -6.22 -11.26
CA VAL A 364 19.17 -6.98 -10.07
C VAL A 364 18.83 -8.45 -10.30
N MSE A 365 18.21 -8.73 -11.43
CA MSE A 365 17.72 -10.08 -11.73
C MSE A 365 18.77 -10.94 -12.40
O MSE A 365 18.51 -11.56 -13.42
CB MSE A 365 16.45 -10.03 -12.58
CG MSE A 365 15.25 -9.49 -11.81
SE MSE A 365 13.59 -9.45 -12.82
CE MSE A 365 13.30 -11.37 -12.81
N LYS A 366 19.96 -11.02 -11.81
CA LYS A 366 21.00 -11.87 -12.39
C LYS A 366 21.38 -13.02 -11.46
O5 AHR B . -2.35 -2.33 12.63
C5 AHR B . -3.23 -2.62 11.55
C4 AHR B . -2.99 -4.08 11.27
O4 AHR B . -1.81 -4.16 10.46
C3 AHR B . -4.13 -4.63 10.42
O3 AHR B . -5.14 -5.15 11.26
C2 AHR B . -3.42 -5.67 9.55
O2 AHR B . -4.14 -5.71 8.30
C1 AHR B . -1.94 -5.19 9.46
O1 AHR B . -0.79 -6.05 9.60
O5 AHR B . -0.20 1.48 10.06
C5 AHR B . 0.07 1.61 11.46
C4 AHR B . -0.24 0.26 12.15
O4 AHR B . -1.60 -0.12 11.93
C3 AHR B . -0.17 0.33 13.67
O3 AHR B . 1.19 0.23 14.10
C2 AHR B . -0.99 -0.88 14.12
O2 AHR B . -1.56 -0.78 15.45
C1 AHR B . -2.05 -0.96 13.02
C1 EDO C . 14.07 19.54 18.85
O1 EDO C . 14.75 20.60 18.14
C2 EDO C . 13.14 18.96 17.78
O2 EDO C . 12.57 17.70 18.23
C1 EDO D . 0.50 -10.84 -23.45
O1 EDO D . 1.42 -10.73 -24.53
C2 EDO D . 0.40 -12.29 -23.04
O2 EDO D . 0.44 -12.28 -21.61
C1 EDO E . 15.61 -16.62 -8.17
O1 EDO E . 15.29 -17.02 -6.85
C2 EDO E . 17.10 -16.34 -8.21
O2 EDO E . 17.64 -17.67 -8.24
C1 EDO F . -1.03 -20.25 -10.33
O1 EDO F . -0.41 -21.53 -10.47
C2 EDO F . -2.28 -20.09 -11.21
O2 EDO F . -1.89 -19.82 -12.57
C1 EDO G . 11.18 16.41 3.72
O1 EDO G . 10.77 17.39 4.70
C2 EDO G . 12.46 16.89 3.05
O2 EDO G . 12.49 16.31 1.73
S SO4 H . 21.73 3.74 -14.61
O1 SO4 H . 22.26 4.26 -13.33
O2 SO4 H . 20.44 4.36 -14.92
O3 SO4 H . 22.62 4.15 -15.70
O4 SO4 H . 21.55 2.27 -14.56
C1 PEG I . -11.22 -19.59 -2.55
O1 PEG I . -12.01 -18.42 -2.77
C2 PEG I . -10.69 -19.55 -1.12
O2 PEG I . -9.26 -19.55 -1.25
C3 PEG I . -8.72 -20.86 -1.03
C4 PEG I . -8.88 -21.64 -2.33
O4 PEG I . -7.61 -21.89 -2.88
#